data_8WS7
#
_entry.id   8WS7
#
_cell.length_a   1.00
_cell.length_b   1.00
_cell.length_c   1.00
_cell.angle_alpha   90.00
_cell.angle_beta   90.00
_cell.angle_gamma   90.00
#
_symmetry.space_group_name_H-M   'P 1'
#
loop_
_entity.id
_entity.type
_entity.pdbx_description
1 polymer Cas12-1
2 polymer TS
3 polymer crRNA
4 polymer NTS
#
loop_
_entity_poly.entity_id
_entity_poly.type
_entity_poly.pdbx_seq_one_letter_code
_entity_poly.pdbx_strand_id
1 'polypeptide(L)'
;MTPKTETPVGALIKKFFPGKRFQKNYLKDAGKKLKREGEAAAVEYLSGKQEDHPANFCPPAKVNILAQSRPLSEWPINLV
SKGVQEYVYGLTAAEREANGDFGTSRKSLDRWFARTGVPTHGYTTVQGLNLILRHTFNRYDGVIKKVETRNEKRRSKATR
INVSREADGLPPIEAEPEETAFGPDGKLKERPGINPSIYCYQQVSPVPYNPAKHPALPFSGVDPGAPLPLGTPNRLSIPK
GQPGYVPEWQRPHLSTKNKRIRKWYARANWRRKPGRKSVLDEAKLKEAALKEAIPIIVTIGKDWIVMDARGLLRAVYWRG
IAKPGLSLKELLGFFSGDPVLDPKRGIATFTFKLGAVAVHSRKPTRGKKSKELLLSMTAEKPHVGLVAIDLGQTNPVAAE
FSRVKREGETLQAEPLGQIVLPDDLVKDLTRYRRAWDATEEQIKAEAIVQLPEECRAEVVKVNQMSAEETKHLILDRGVS
GDLPWEKMTSNTTFISDHLLAKGVTDQVFFEKKSKGKKKGTETVKRKDYGWVKLLRPRLSQETRKAVNDKTWELKRASTE
YVRLSRRKTELARRCVNYIVRETKRWTQCEDIAIVIEDLNVRFFHGSGERPDGWDNFFISKRENRWFIQVLHKAFSDLAL
HRGLPVIEANPARTSITCIRCGHCDRNNRHGEMFLCLSCNDLRHADREIATRNLTRVAVTGEMIPRRIEPGEQSGDTKKA
RSARKGKKAVISKREAA
;
A
2 'polydeoxyribonucleotide'
;(DC)(DT)(DG)(DC)(DC)(DC)(DT)(DT)(DG)(DC)(DA)(DA)(DG)(DA)(DA)(DG)(DT)(DC)(DG)(DT)
(DC)(DG)(DA)(DC)(DG)(DT)(DA)(DG)(DG)(DG)(DG)(DA)(DG)(DA)(DA)(DT)(DT)(DG)(DG)(DC)
(DC)(DA)
;
C
3 'polyribonucleotide' UCAACGCUUGCUCGGUUCGCCGAGACUCCCCUACGUGCUGCUGAAG B
4 'polydeoxyribonucleotide'
;(DT)(DG)(DG)(DC)(DC)(DA)(DA)(DT)(DT)(DC)(DT)(DC)(DC)(DC)(DC)(DT)(DA)(DC)(DG)(DT)
(DC)(DG)(DA)(DC)(DG)(DA)(DC)(DT)(DT)(DC)(DT)(DT)(DG)(DC)(DA)(DA)(DG)(DG)(DG)(DC)
(DA)(DG)
;
D
#
loop_
_chem_comp.id
_chem_comp.type
_chem_comp.name
_chem_comp.formula
A RNA linking ADENOSINE-5'-MONOPHOSPHATE 'C10 H14 N5 O7 P'
C RNA linking CYTIDINE-5'-MONOPHOSPHATE 'C9 H14 N3 O8 P'
DA DNA linking 2'-DEOXYADENOSINE-5'-MONOPHOSPHATE 'C10 H14 N5 O6 P'
DC DNA linking 2'-DEOXYCYTIDINE-5'-MONOPHOSPHATE 'C9 H14 N3 O7 P'
DG DNA linking 2'-DEOXYGUANOSINE-5'-MONOPHOSPHATE 'C10 H14 N5 O7 P'
DT DNA linking THYMIDINE-5'-MONOPHOSPHATE 'C10 H15 N2 O8 P'
G RNA linking GUANOSINE-5'-MONOPHOSPHATE 'C10 H14 N5 O8 P'
U RNA linking URIDINE-5'-MONOPHOSPHATE 'C9 H13 N2 O9 P'
#
# COMPACT_ATOMS: atom_id res chain seq x y z
N CYS A 58 -10.55 -11.49 -5.46
CA CYS A 58 -9.77 -10.25 -5.41
C CYS A 58 -8.44 -10.45 -4.69
N PRO A 59 -7.44 -10.94 -5.42
CA PRO A 59 -6.13 -11.19 -4.82
C PRO A 59 -5.34 -9.91 -4.70
N PRO A 60 -4.34 -9.86 -3.81
CA PRO A 60 -3.55 -8.65 -3.64
C PRO A 60 -2.28 -8.64 -4.48
N ALA A 61 -1.78 -7.42 -4.69
CA ALA A 61 -0.50 -7.17 -5.35
C ALA A 61 0.21 -6.06 -4.63
N LYS A 62 1.53 -6.15 -4.54
CA LYS A 62 2.32 -5.26 -3.70
C LYS A 62 3.34 -4.48 -4.53
N VAL A 63 3.59 -3.24 -4.11
CA VAL A 63 4.44 -2.31 -4.84
C VAL A 63 5.42 -1.68 -3.86
N ASN A 64 6.68 -1.56 -4.30
CA ASN A 64 7.70 -0.87 -3.54
C ASN A 64 7.60 0.64 -3.76
N ILE A 65 8.04 1.39 -2.77
CA ILE A 65 7.98 2.84 -2.78
C ILE A 65 9.31 3.38 -3.29
N LEU A 66 9.25 4.41 -4.13
CA LEU A 66 10.45 5.05 -4.65
C LEU A 66 10.83 6.32 -3.92
N ALA A 67 9.93 7.29 -3.81
CA ALA A 67 10.28 8.54 -3.14
C ALA A 67 9.04 9.16 -2.53
N GLN A 68 9.27 9.97 -1.50
CA GLN A 68 8.24 10.78 -0.89
C GLN A 68 8.90 12.02 -0.30
N SER A 69 8.15 13.12 -0.27
CA SER A 69 8.74 14.37 0.18
C SER A 69 9.08 14.31 1.67
N ARG A 70 8.06 13.97 2.45
CA ARG A 70 8.25 13.83 3.89
C ARG A 70 7.66 12.45 4.27
N PRO A 71 8.11 11.83 5.40
CA PRO A 71 7.65 10.45 5.67
C PRO A 71 6.20 10.37 6.11
N LEU A 72 5.64 9.17 6.06
CA LEU A 72 4.20 9.03 6.31
C LEU A 72 3.69 9.32 7.72
N SER A 73 4.59 9.49 8.68
CA SER A 73 4.16 9.85 10.03
C SER A 73 3.75 11.31 10.09
N GLU A 74 4.48 12.18 9.40
CA GLU A 74 4.16 13.60 9.37
C GLU A 74 3.02 13.93 8.43
N TRP A 75 2.40 12.93 7.82
CA TRP A 75 1.27 13.20 6.94
C TRP A 75 0.02 13.54 7.77
N PRO A 76 -0.66 14.65 7.48
CA PRO A 76 -1.89 14.97 8.21
C PRO A 76 -2.93 13.87 8.18
N ILE A 77 -2.96 13.04 7.13
CA ILE A 77 -3.94 11.96 7.07
C ILE A 77 -3.63 10.90 8.13
N ASN A 78 -2.34 10.64 8.37
CA ASN A 78 -1.96 9.71 9.43
C ASN A 78 -2.12 10.32 10.81
N LEU A 79 -1.73 11.60 10.97
CA LEU A 79 -1.82 12.25 12.27
C LEU A 79 -3.27 12.40 12.73
N VAL A 80 -4.16 12.75 11.81
CA VAL A 80 -5.58 12.86 12.16
C VAL A 80 -6.14 11.50 12.53
N SER A 81 -5.79 10.47 11.77
CA SER A 81 -6.27 9.12 12.09
C SER A 81 -5.76 8.68 13.46
N LYS A 82 -4.46 8.90 13.73
CA LYS A 82 -3.91 8.52 15.03
C LYS A 82 -4.57 9.30 16.16
N GLY A 83 -4.77 10.61 15.95
CA GLY A 83 -5.44 11.41 16.95
C GLY A 83 -6.88 11.00 17.17
N VAL A 84 -7.59 10.68 16.09
CA VAL A 84 -8.96 10.21 16.21
C VAL A 84 -9.00 8.87 16.93
N GLN A 85 -8.11 7.96 16.56
CA GLN A 85 -8.09 6.63 17.16
C GLN A 85 -7.72 6.70 18.64
N GLU A 86 -6.75 7.55 18.98
CA GLU A 86 -6.34 7.68 20.38
C GLU A 86 -7.48 8.20 21.24
N TYR A 87 -8.40 8.97 20.65
CA TYR A 87 -9.48 9.58 21.41
C TYR A 87 -10.65 8.62 21.58
N VAL A 88 -10.84 7.70 20.64
CA VAL A 88 -12.09 6.96 20.58
C VAL A 88 -12.00 5.66 21.38
N TYR A 89 -10.88 4.95 21.27
CA TYR A 89 -10.77 3.62 21.89
C TYR A 89 -10.95 3.70 23.40
N GLY A 90 -10.41 4.75 24.03
CA GLY A 90 -10.56 4.94 25.46
C GLY A 90 -11.79 5.71 25.85
N LEU A 91 -12.96 5.22 25.43
CA LEU A 91 -14.23 5.85 25.73
C LEU A 91 -15.16 4.85 26.41
N THR A 92 -15.87 5.36 27.42
CA THR A 92 -16.86 4.57 28.15
C THR A 92 -18.04 4.26 27.23
N ALA A 93 -18.78 3.20 27.57
CA ALA A 93 -19.91 2.79 26.75
C ALA A 93 -20.96 3.87 26.58
N ALA A 94 -21.01 4.85 27.48
CA ALA A 94 -21.92 5.99 27.34
C ALA A 94 -21.34 7.09 26.47
N GLU A 95 -20.01 7.20 26.40
CA GLU A 95 -19.39 8.23 25.58
C GLU A 95 -19.41 7.89 24.10
N ARG A 96 -19.30 6.61 23.74
CA ARG A 96 -19.29 6.24 22.33
C ARG A 96 -20.63 6.55 21.68
N GLU A 97 -21.74 6.29 22.38
CA GLU A 97 -23.05 6.63 21.85
C GLU A 97 -23.28 8.13 21.80
N ALA A 98 -22.80 8.87 22.80
CA ALA A 98 -22.92 10.32 22.79
C ALA A 98 -22.06 10.93 21.67
N ASN A 99 -20.87 10.39 21.46
CA ASN A 99 -19.95 10.90 20.46
C ASN A 99 -20.02 10.14 19.14
N GLY A 100 -21.00 9.25 18.98
CA GLY A 100 -21.16 8.52 17.74
C GLY A 100 -21.98 9.25 16.69
N ASP A 101 -22.25 10.54 16.88
CA ASP A 101 -23.08 11.32 15.97
C ASP A 101 -22.23 11.85 14.82
N PHE A 102 -21.54 10.93 14.15
CA PHE A 102 -20.75 11.24 12.98
C PHE A 102 -21.50 10.73 11.76
N GLY A 103 -21.71 11.61 10.78
CA GLY A 103 -22.43 11.28 9.58
C GLY A 103 -21.52 11.02 8.40
N THR A 104 -22.08 11.23 7.21
CA THR A 104 -21.31 11.17 5.98
C THR A 104 -21.44 12.49 5.24
N SER A 105 -21.42 13.60 5.98
CA SER A 105 -21.67 14.91 5.41
C SER A 105 -20.66 15.90 5.96
N ARG A 106 -20.47 16.99 5.24
CA ARG A 106 -19.51 18.01 5.63
C ARG A 106 -19.83 18.60 6.98
N LYS A 107 -21.04 19.12 7.15
CA LYS A 107 -21.38 19.81 8.38
C LYS A 107 -21.38 18.85 9.58
N SER A 108 -21.70 17.58 9.35
CA SER A 108 -21.65 16.61 10.43
C SER A 108 -20.23 16.44 10.96
N LEU A 109 -19.27 16.26 10.07
CA LEU A 109 -17.89 16.06 10.47
C LEU A 109 -17.21 17.37 10.87
N ASP A 110 -17.64 18.50 10.31
CA ASP A 110 -16.98 19.77 10.59
C ASP A 110 -17.11 20.16 12.06
N ARG A 111 -18.27 19.94 12.65
CA ARG A 111 -18.48 20.28 14.06
C ARG A 111 -18.07 19.15 14.99
N TRP A 112 -18.02 17.91 14.49
CA TRP A 112 -17.64 16.77 15.32
C TRP A 112 -16.26 16.97 15.93
N PHE A 113 -15.37 17.66 15.21
CA PHE A 113 -14.05 17.96 15.76
C PHE A 113 -14.12 19.06 16.81
N ALA A 114 -15.10 19.96 16.71
CA ALA A 114 -15.24 21.02 17.70
C ALA A 114 -15.75 20.48 19.02
N ARG A 115 -16.78 19.62 18.98
CA ARG A 115 -17.34 19.07 20.21
C ARG A 115 -16.36 18.15 20.90
N THR A 116 -15.74 17.25 20.15
CA THR A 116 -14.83 16.26 20.71
C THR A 116 -13.42 16.77 20.91
N GLY A 117 -13.04 17.87 20.25
CA GLY A 117 -11.73 18.44 20.48
C GLY A 117 -10.58 17.68 19.87
N VAL A 118 -10.85 16.71 19.00
CA VAL A 118 -9.75 15.97 18.36
C VAL A 118 -8.97 16.92 17.47
N PRO A 119 -7.63 16.93 17.55
CA PRO A 119 -6.86 17.86 16.72
C PRO A 119 -7.10 17.62 15.23
N THR A 120 -7.12 18.72 14.48
CA THR A 120 -7.20 18.68 13.03
C THR A 120 -5.89 19.25 12.48
N HIS A 121 -5.23 18.48 11.63
CA HIS A 121 -3.93 18.88 11.09
C HIS A 121 -4.06 19.38 9.66
N GLY A 122 -5.15 20.11 9.39
CA GLY A 122 -5.44 20.56 8.05
C GLY A 122 -6.15 19.56 7.17
N TYR A 123 -6.64 18.46 7.74
CA TYR A 123 -7.34 17.43 6.98
C TYR A 123 -8.83 17.70 7.07
N THR A 124 -9.46 17.99 5.93
CA THR A 124 -10.88 18.28 5.92
C THR A 124 -11.62 17.45 4.88
N THR A 125 -10.89 16.69 4.07
CA THR A 125 -11.52 15.93 2.98
C THR A 125 -12.55 14.96 3.56
N VAL A 126 -13.76 14.97 2.97
CA VAL A 126 -14.87 14.23 3.55
C VAL A 126 -14.60 12.73 3.51
N GLN A 127 -14.28 12.20 2.33
CA GLN A 127 -14.15 10.75 2.20
C GLN A 127 -12.97 10.21 2.99
N GLY A 128 -11.88 10.98 3.06
CA GLY A 128 -10.77 10.57 3.89
C GLY A 128 -11.14 10.47 5.35
N LEU A 129 -11.97 11.42 5.83
CA LEU A 129 -12.48 11.35 7.19
C LEU A 129 -13.45 10.20 7.39
N ASN A 130 -14.14 9.76 6.35
CA ASN A 130 -15.05 8.63 6.48
C ASN A 130 -14.32 7.29 6.39
N LEU A 131 -13.05 7.31 6.02
CA LEU A 131 -12.25 6.09 6.01
C LEU A 131 -11.52 5.86 7.33
N ILE A 132 -11.53 6.84 8.23
CA ILE A 132 -10.86 6.72 9.52
C ILE A 132 -11.83 6.92 10.68
N LEU A 133 -13.10 7.14 10.38
CA LEU A 133 -14.13 7.28 11.40
C LEU A 133 -15.13 6.13 11.39
N ARG A 134 -15.40 5.55 10.21
CA ARG A 134 -16.12 4.28 10.17
C ARG A 134 -15.23 3.15 10.67
N HIS A 135 -13.94 3.19 10.33
CA HIS A 135 -13.03 2.14 10.74
C HIS A 135 -12.77 2.18 12.25
N THR A 136 -12.54 3.38 12.79
CA THR A 136 -12.21 3.50 14.21
C THR A 136 -13.35 3.00 15.09
N PHE A 137 -14.59 3.32 14.73
CA PHE A 137 -15.73 2.86 15.51
C PHE A 137 -16.05 1.39 15.24
N ASN A 138 -15.60 0.85 14.10
CA ASN A 138 -15.75 -0.58 13.88
C ASN A 138 -14.74 -1.39 14.67
N ARG A 139 -13.52 -0.87 14.84
CA ARG A 139 -12.56 -1.52 15.72
C ARG A 139 -13.03 -1.47 17.17
N TYR A 140 -13.62 -0.34 17.55
CA TYR A 140 -14.13 -0.21 18.91
C TYR A 140 -15.21 -1.27 19.12
N ASP A 141 -16.15 -1.37 18.20
CA ASP A 141 -17.21 -2.37 18.32
C ASP A 141 -16.66 -3.78 18.22
N GLY A 142 -15.48 -3.94 17.62
CA GLY A 142 -14.92 -5.28 17.46
C GLY A 142 -14.62 -5.96 18.78
N VAL A 143 -14.06 -5.24 19.74
CA VAL A 143 -13.74 -5.83 21.03
C VAL A 143 -15.02 -6.21 21.78
N ILE A 144 -16.02 -5.32 21.74
CA ILE A 144 -17.29 -5.63 22.39
C ILE A 144 -18.02 -6.76 21.67
N LYS A 145 -17.92 -6.80 20.34
CA LYS A 145 -18.52 -7.90 19.60
C LYS A 145 -17.77 -9.20 19.86
N LYS A 146 -16.45 -9.14 19.99
CA LYS A 146 -15.67 -10.34 20.27
C LYS A 146 -16.08 -10.96 21.60
N VAL A 147 -16.09 -10.17 22.66
CA VAL A 147 -16.52 -10.68 23.96
C VAL A 147 -18.00 -11.01 23.98
N GLU A 148 -18.77 -10.48 23.03
CA GLU A 148 -20.16 -10.88 22.85
C GLU A 148 -20.30 -12.12 21.98
N THR A 149 -19.40 -12.34 21.02
CA THR A 149 -19.31 -13.64 20.37
C THR A 149 -18.59 -14.66 21.25
N ARG A 150 -17.64 -14.21 22.06
CA ARG A 150 -17.14 -15.06 23.14
C ARG A 150 -18.23 -15.29 24.19
N ASN A 151 -19.16 -14.35 24.32
CA ASN A 151 -20.37 -14.62 25.06
C ASN A 151 -21.23 -15.66 24.34
N GLU A 152 -21.22 -15.65 23.01
CA GLU A 152 -22.06 -16.58 22.25
C GLU A 152 -21.61 -18.03 22.42
N LYS A 153 -20.30 -18.26 22.39
CA LYS A 153 -19.82 -19.62 22.64
C LYS A 153 -20.16 -20.05 24.05
N ARG A 154 -20.06 -19.13 25.01
CA ARG A 154 -20.43 -19.44 26.39
C ARG A 154 -21.91 -19.77 26.44
N ARG A 155 -22.72 -19.03 25.68
CA ARG A 155 -24.16 -19.26 25.65
C ARG A 155 -24.45 -20.65 25.11
N SER A 156 -23.71 -21.05 24.07
CA SER A 156 -23.91 -22.37 23.48
C SER A 156 -23.59 -23.47 24.47
N LYS A 157 -22.53 -23.28 25.25
CA LYS A 157 -22.16 -24.27 26.27
C LYS A 157 -23.26 -24.39 27.31
N ALA A 158 -23.84 -23.27 27.71
CA ALA A 158 -24.90 -23.28 28.72
C ALA A 158 -26.28 -23.38 28.07
N PRO A 177 -22.90 -14.99 34.84
CA PRO A 177 -23.64 -14.00 34.05
C PRO A 177 -23.07 -13.71 32.67
N GLU A 178 -21.82 -13.23 32.62
CA GLU A 178 -21.20 -12.81 31.38
C GLU A 178 -19.77 -12.39 31.65
N GLU A 179 -19.05 -12.07 30.58
CA GLU A 179 -17.69 -11.52 30.65
C GLU A 179 -17.71 -10.22 29.83
N THR A 180 -18.02 -9.12 30.50
CA THR A 180 -18.12 -7.84 29.81
C THR A 180 -16.72 -7.35 29.44
N ALA A 181 -16.68 -6.26 28.66
CA ALA A 181 -15.43 -5.67 28.21
C ALA A 181 -15.16 -4.32 28.87
N PHE A 182 -15.88 -4.01 29.94
CA PHE A 182 -15.70 -2.74 30.65
C PHE A 182 -15.36 -3.03 32.10
N GLY A 183 -14.33 -2.37 32.61
CA GLY A 183 -13.91 -2.53 33.98
C GLY A 183 -14.61 -1.57 34.92
N PRO A 184 -14.13 -1.48 36.15
CA PRO A 184 -14.73 -0.53 37.10
C PRO A 184 -14.64 0.92 36.65
N ASP A 185 -13.58 1.28 35.92
CA ASP A 185 -13.45 2.63 35.40
C ASP A 185 -14.40 2.91 34.24
N GLY A 186 -15.04 1.87 33.69
CA GLY A 186 -15.95 2.03 32.57
C GLY A 186 -15.29 1.96 31.22
N LYS A 187 -13.97 2.09 31.14
CA LYS A 187 -13.26 2.04 29.89
C LYS A 187 -13.26 0.61 29.33
N LEU A 188 -13.01 0.50 28.03
CA LEU A 188 -12.87 -0.78 27.37
C LEU A 188 -11.48 -1.35 27.65
N LYS A 189 -11.43 -2.48 28.36
CA LYS A 189 -10.14 -2.94 28.90
C LYS A 189 -9.23 -3.50 27.82
N GLU A 190 -9.76 -4.27 26.87
CA GLU A 190 -8.95 -4.77 25.76
C GLU A 190 -8.91 -3.74 24.64
N ARG A 191 -8.30 -2.60 24.95
CA ARG A 191 -8.28 -1.47 24.01
C ARG A 191 -7.65 -1.89 22.69
N PRO A 192 -8.28 -1.58 21.56
CA PRO A 192 -7.65 -1.84 20.27
C PRO A 192 -6.37 -1.02 20.11
N GLY A 193 -5.42 -1.61 19.41
CA GLY A 193 -4.17 -0.91 19.12
C GLY A 193 -4.34 0.00 17.93
N ILE A 194 -3.48 1.02 17.83
CA ILE A 194 -3.58 1.99 16.75
C ILE A 194 -3.20 1.32 15.43
N ASN A 195 -4.05 1.48 14.42
CA ASN A 195 -3.79 0.92 13.10
C ASN A 195 -3.04 1.93 12.25
N PRO A 196 -1.82 1.63 11.83
CA PRO A 196 -1.03 2.62 11.07
C PRO A 196 -1.35 2.68 9.59
N SER A 197 -2.27 1.85 9.10
CA SER A 197 -2.59 1.85 7.67
C SER A 197 -3.20 3.18 7.25
N ILE A 198 -2.71 3.68 6.12
CA ILE A 198 -3.26 4.91 5.55
C ILE A 198 -4.06 4.45 4.34
N TYR A 199 -5.37 4.57 4.42
CA TYR A 199 -6.26 4.12 3.35
C TYR A 199 -6.54 5.26 2.38
N CYS A 200 -6.25 5.02 1.11
CA CYS A 200 -6.49 6.01 0.06
C CYS A 200 -7.95 5.97 -0.40
N TYR A 201 -8.33 6.96 -1.19
CA TYR A 201 -9.72 7.09 -1.64
C TYR A 201 -9.71 7.50 -3.11
N GLN A 202 -10.91 7.69 -3.67
CA GLN A 202 -11.04 7.99 -5.10
C GLN A 202 -10.31 9.27 -5.47
N GLN A 203 -10.47 10.31 -4.65
CA GLN A 203 -9.90 11.61 -5.01
C GLN A 203 -8.39 11.61 -4.98
N VAL A 204 -7.77 10.56 -4.44
CA VAL A 204 -6.31 10.40 -4.45
C VAL A 204 -6.03 8.98 -4.93
N SER A 205 -5.81 8.83 -6.23
CA SER A 205 -5.54 7.51 -6.78
C SER A 205 -4.27 7.54 -7.60
N PRO A 206 -3.57 6.40 -7.72
CA PRO A 206 -2.36 6.38 -8.54
C PRO A 206 -2.68 6.75 -9.98
N VAL A 207 -1.81 7.58 -10.55
CA VAL A 207 -1.90 7.98 -11.95
C VAL A 207 -0.51 7.88 -12.55
N PRO A 208 -0.41 7.76 -13.87
CA PRO A 208 0.91 7.81 -14.50
C PRO A 208 1.63 9.10 -14.14
N TYR A 209 2.90 8.97 -13.80
CA TYR A 209 3.68 10.13 -13.36
C TYR A 209 4.04 11.00 -14.55
N ASN A 210 3.40 12.17 -14.64
CA ASN A 210 3.68 13.14 -15.69
C ASN A 210 4.76 14.10 -15.20
N PRO A 211 5.90 14.19 -15.90
CA PRO A 211 6.96 15.09 -15.43
C PRO A 211 6.55 16.55 -15.33
N ALA A 212 5.55 16.97 -16.12
CA ALA A 212 5.16 18.37 -16.10
C ALA A 212 4.28 18.70 -14.90
N LYS A 213 3.19 17.96 -14.71
CA LYS A 213 2.24 18.29 -13.66
C LYS A 213 2.80 17.97 -12.27
N HIS A 214 3.40 16.80 -12.13
CA HIS A 214 3.89 16.33 -10.83
C HIS A 214 5.29 16.87 -10.57
N PRO A 215 5.73 16.86 -9.31
CA PRO A 215 7.01 17.48 -8.97
C PRO A 215 8.20 16.78 -9.62
N ALA A 216 9.38 17.39 -9.46
CA ALA A 216 10.57 16.90 -10.12
C ALA A 216 11.18 15.73 -9.37
N LEU A 217 11.44 14.64 -10.09
CA LEU A 217 12.14 13.48 -9.57
C LEU A 217 13.13 13.00 -10.62
N PRO A 218 14.27 12.43 -10.19
CA PRO A 218 15.31 12.06 -11.16
C PRO A 218 14.87 11.03 -12.19
N PHE A 219 14.02 10.07 -11.81
CA PHE A 219 13.68 8.99 -12.73
C PHE A 219 12.57 9.40 -13.68
N SER A 220 12.77 9.11 -14.96
CA SER A 220 11.85 9.53 -16.00
C SER A 220 10.54 8.75 -15.93
N GLY A 221 9.50 9.33 -16.53
CA GLY A 221 8.19 8.72 -16.58
C GLY A 221 7.83 8.33 -18.01
N VAL A 222 7.16 7.19 -18.14
CA VAL A 222 6.80 6.68 -19.46
C VAL A 222 5.49 7.30 -19.91
N ASP A 223 5.27 7.30 -21.23
CA ASP A 223 4.01 7.75 -21.78
C ASP A 223 2.90 6.78 -21.38
N PRO A 224 1.75 7.28 -20.91
CA PRO A 224 0.68 6.37 -20.48
C PRO A 224 -0.04 5.68 -21.61
N GLY A 225 0.14 6.13 -22.85
CA GLY A 225 -0.56 5.53 -23.97
C GLY A 225 0.26 4.50 -24.73
N ALA A 226 1.58 4.68 -24.73
CA ALA A 226 2.45 3.75 -25.44
C ALA A 226 2.51 2.41 -24.71
N PRO A 227 2.56 1.30 -25.44
CA PRO A 227 2.67 -0.01 -24.78
C PRO A 227 3.97 -0.14 -24.01
N LEU A 228 3.90 -0.88 -22.90
CA LEU A 228 5.07 -1.07 -22.05
C LEU A 228 6.07 -2.01 -22.73
N PRO A 229 7.37 -1.82 -22.50
CA PRO A 229 8.36 -2.70 -23.12
C PRO A 229 8.26 -4.13 -22.60
N LEU A 230 8.60 -5.08 -23.45
CA LEU A 230 8.73 -6.47 -23.03
C LEU A 230 10.14 -6.70 -22.49
N GLY A 231 10.22 -7.26 -21.29
CA GLY A 231 11.47 -7.35 -20.55
C GLY A 231 12.40 -8.41 -21.13
N THR A 232 13.52 -7.94 -21.66
CA THR A 232 14.60 -8.80 -22.13
C THR A 232 14.15 -9.87 -23.13
N PRO A 233 13.81 -9.48 -24.36
CA PRO A 233 13.60 -10.49 -25.40
C PRO A 233 14.93 -10.91 -26.01
N ASN A 234 14.99 -12.17 -26.41
CA ASN A 234 16.18 -12.77 -27.02
C ASN A 234 17.39 -12.63 -26.10
N ARG A 235 17.31 -13.31 -24.95
CA ARG A 235 18.35 -13.23 -23.94
C ARG A 235 19.69 -13.72 -24.47
N LEU A 236 19.68 -14.72 -25.35
CA LEU A 236 20.93 -15.23 -25.90
C LEU A 236 21.66 -14.17 -26.72
N SER A 237 20.91 -13.39 -27.51
CA SER A 237 21.50 -12.37 -28.38
C SER A 237 21.81 -11.09 -27.58
N ILE A 238 22.73 -11.23 -26.63
CA ILE A 238 23.18 -10.14 -25.78
C ILE A 238 24.70 -10.13 -25.82
N PRO A 239 25.34 -8.97 -26.02
CA PRO A 239 26.80 -8.95 -26.20
C PRO A 239 27.54 -9.51 -25.01
N LYS A 240 28.65 -10.21 -25.30
CA LYS A 240 29.50 -10.74 -24.25
C LYS A 240 30.18 -9.62 -23.48
N GLY A 241 30.28 -9.78 -22.16
CA GLY A 241 30.84 -8.76 -21.31
C GLY A 241 29.88 -7.66 -20.93
N GLN A 242 28.65 -7.71 -21.42
CA GLN A 242 27.58 -6.79 -21.09
C GLN A 242 26.52 -7.51 -20.27
N PRO A 243 25.87 -6.81 -19.34
CA PRO A 243 25.01 -7.49 -18.36
C PRO A 243 23.93 -8.34 -19.02
N GLY A 244 23.72 -9.53 -18.46
CA GLY A 244 22.78 -10.47 -19.01
C GLY A 244 23.38 -11.53 -19.90
N TYR A 245 24.70 -11.59 -20.02
CA TYR A 245 25.35 -12.51 -20.94
C TYR A 245 25.32 -13.92 -20.38
N VAL A 246 24.79 -14.87 -21.17
CA VAL A 246 24.76 -16.27 -20.78
C VAL A 246 25.97 -16.95 -21.40
N PRO A 247 26.91 -17.47 -20.60
CA PRO A 247 28.12 -18.06 -21.16
C PRO A 247 27.85 -19.27 -22.05
N GLU A 248 28.90 -19.71 -22.74
CA GLU A 248 28.73 -20.73 -23.77
C GLU A 248 28.51 -22.12 -23.17
N TRP A 249 29.19 -22.42 -22.06
CA TRP A 249 29.03 -23.74 -21.44
C TRP A 249 27.64 -23.94 -20.85
N GLN A 250 26.86 -22.88 -20.75
CA GLN A 250 25.61 -22.90 -20.01
C GLN A 250 24.39 -22.81 -20.92
N ARG A 251 24.59 -22.47 -22.19
CA ARG A 251 23.45 -22.35 -23.11
C ARG A 251 22.71 -23.67 -23.31
N PRO A 252 23.37 -24.82 -23.48
CA PRO A 252 22.63 -26.08 -23.38
C PRO A 252 22.04 -26.27 -21.99
N HIS A 253 20.93 -27.01 -21.92
CA HIS A 253 20.22 -27.27 -20.66
C HIS A 253 19.70 -25.97 -20.04
N LEU A 254 19.04 -25.17 -20.85
CA LEU A 254 18.37 -23.96 -20.38
C LEU A 254 16.88 -24.22 -20.26
N SER A 255 16.16 -23.28 -19.68
CA SER A 255 14.73 -23.44 -19.53
C SER A 255 14.04 -23.35 -20.87
N THR A 256 13.66 -24.50 -21.43
CA THR A 256 12.85 -24.56 -22.63
C THR A 256 11.39 -24.30 -22.34
N LYS A 257 10.99 -24.28 -21.07
CA LYS A 257 9.63 -23.96 -20.67
C LYS A 257 9.58 -22.52 -20.19
N ASN A 258 8.39 -21.92 -20.30
CA ASN A 258 8.20 -20.54 -19.89
C ASN A 258 8.32 -20.40 -18.37
N LYS A 259 9.07 -19.40 -17.94
CA LYS A 259 9.04 -18.97 -16.54
C LYS A 259 9.27 -17.48 -16.49
N ARG A 260 9.33 -16.95 -15.27
CA ARG A 260 9.69 -15.55 -15.07
C ARG A 260 11.10 -15.29 -15.59
N ILE A 261 11.29 -14.12 -16.18
CA ILE A 261 12.59 -13.71 -16.69
C ILE A 261 13.16 -12.70 -15.70
N ARG A 262 14.01 -13.18 -14.80
CA ARG A 262 14.66 -12.30 -13.85
C ARG A 262 15.66 -11.40 -14.57
N LYS A 263 15.84 -10.20 -14.04
CA LYS A 263 16.70 -9.21 -14.66
C LYS A 263 18.13 -9.31 -14.13
N TRP A 264 19.03 -8.61 -14.80
CA TRP A 264 20.41 -8.48 -14.33
C TRP A 264 20.49 -7.96 -12.91
N TYR A 265 19.77 -6.88 -12.62
CA TYR A 265 19.83 -6.22 -11.32
C TYR A 265 18.99 -6.92 -10.26
N ALA A 266 18.50 -8.13 -10.54
CA ALA A 266 17.68 -8.84 -9.57
C ALA A 266 18.51 -9.24 -8.36
N ARG A 267 17.92 -9.08 -7.18
CA ARG A 267 18.59 -9.44 -5.95
C ARG A 267 18.59 -10.94 -5.69
N ALA A 268 17.73 -11.69 -6.37
CA ALA A 268 17.72 -13.14 -6.22
C ALA A 268 18.94 -13.80 -6.85
N ASN A 269 19.62 -13.11 -7.75
CA ASN A 269 20.87 -13.59 -8.32
C ASN A 269 22.09 -13.12 -7.53
N TRP A 270 21.98 -11.96 -6.86
CA TRP A 270 23.07 -11.38 -6.08
C TRP A 270 22.63 -11.36 -4.63
N ARG A 271 22.93 -12.43 -3.90
CA ARG A 271 22.68 -12.45 -2.47
C ARG A 271 23.70 -13.38 -1.83
N ARG A 272 23.90 -13.19 -0.52
CA ARG A 272 24.91 -13.96 0.20
C ARG A 272 24.56 -15.44 0.19
N LYS A 273 25.47 -16.23 -0.38
CA LYS A 273 25.28 -17.67 -0.48
C LYS A 273 26.66 -18.36 -0.24
N PRO A 274 26.72 -19.51 0.50
CA PRO A 274 28.01 -20.19 0.69
C PRO A 274 28.76 -20.47 -0.61
N GLY A 275 28.03 -20.61 -1.73
CA GLY A 275 28.66 -20.97 -2.98
C GLY A 275 28.92 -19.82 -3.92
N ARG A 276 28.49 -18.62 -3.57
CA ARG A 276 28.66 -17.44 -4.42
C ARG A 276 29.91 -16.69 -4.00
N LYS A 277 30.83 -16.51 -4.93
CA LYS A 277 32.01 -15.68 -4.73
C LYS A 277 31.83 -14.26 -5.24
N SER A 278 30.66 -13.94 -5.80
CA SER A 278 30.41 -12.61 -6.33
C SER A 278 30.27 -11.59 -5.20
N VAL A 279 30.53 -10.33 -5.53
CA VAL A 279 30.56 -9.25 -4.55
C VAL A 279 29.22 -8.52 -4.60
N LEU A 280 28.64 -8.28 -3.43
CA LEU A 280 27.42 -7.50 -3.33
C LEU A 280 27.76 -6.01 -3.25
N ASP A 281 27.14 -5.22 -4.13
CA ASP A 281 27.30 -3.78 -4.14
C ASP A 281 25.93 -3.16 -4.34
N GLU A 282 25.26 -2.82 -3.23
CA GLU A 282 23.87 -2.37 -3.31
C GLU A 282 23.75 -1.08 -4.14
N ALA A 283 24.80 -0.26 -4.15
CA ALA A 283 24.75 0.98 -4.92
C ALA A 283 24.60 0.71 -6.41
N LYS A 284 25.34 -0.27 -6.93
CA LYS A 284 25.31 -0.54 -8.37
C LYS A 284 23.98 -1.14 -8.80
N LEU A 285 23.44 -2.07 -8.00
CA LEU A 285 22.22 -2.76 -8.39
C LEU A 285 20.99 -1.85 -8.29
N LYS A 286 20.86 -1.12 -7.18
CA LYS A 286 19.65 -0.34 -6.96
C LYS A 286 19.51 0.80 -7.96
N GLU A 287 20.63 1.45 -8.31
CA GLU A 287 20.57 2.47 -9.35
C GLU A 287 20.11 1.89 -10.68
N ALA A 288 20.48 0.63 -10.95
CA ALA A 288 20.04 -0.01 -12.18
C ALA A 288 18.55 -0.32 -12.15
N ALA A 289 17.97 -0.42 -10.95
CA ALA A 289 16.60 -0.88 -10.82
C ALA A 289 15.58 0.19 -11.20
N LEU A 290 15.84 1.46 -10.85
CA LEU A 290 14.83 2.49 -11.03
C LEU A 290 14.92 3.20 -12.39
N LYS A 291 15.99 3.00 -13.15
CA LYS A 291 16.06 3.59 -14.48
C LYS A 291 15.00 2.96 -15.39
N GLU A 292 14.77 1.66 -15.26
CA GLU A 292 13.74 0.97 -16.00
C GLU A 292 12.48 0.71 -15.16
N ALA A 293 12.16 1.62 -14.25
CA ALA A 293 11.00 1.50 -13.39
C ALA A 293 9.76 2.00 -14.09
N ILE A 294 8.61 1.69 -13.50
CA ILE A 294 7.31 2.13 -13.99
C ILE A 294 6.66 2.97 -12.88
N PRO A 295 6.82 4.29 -12.89
CA PRO A 295 6.38 5.09 -11.74
C PRO A 295 4.93 5.52 -11.80
N ILE A 296 4.22 5.34 -10.69
CA ILE A 296 2.89 5.89 -10.49
C ILE A 296 2.93 6.73 -9.22
N ILE A 297 2.07 7.75 -9.16
CA ILE A 297 2.15 8.79 -8.14
C ILE A 297 0.79 8.96 -7.48
N VAL A 298 0.80 9.09 -6.15
CA VAL A 298 -0.38 9.47 -5.37
C VAL A 298 -0.04 10.72 -4.57
N THR A 299 -0.87 11.75 -4.69
CA THR A 299 -0.64 13.01 -3.97
C THR A 299 -1.89 13.33 -3.16
N ILE A 300 -1.71 13.55 -1.86
CA ILE A 300 -2.84 13.84 -0.97
C ILE A 300 -3.03 15.34 -0.83
N GLY A 301 -2.05 16.01 -0.23
CA GLY A 301 -2.06 17.45 -0.10
C GLY A 301 -0.90 18.06 -0.83
N LYS A 302 0.15 18.41 -0.08
CA LYS A 302 1.44 18.79 -0.65
C LYS A 302 2.47 17.69 -0.47
N ASP A 303 2.00 16.45 -0.34
CA ASP A 303 2.84 15.28 -0.17
C ASP A 303 2.55 14.29 -1.30
N TRP A 304 3.61 13.82 -1.97
CA TRP A 304 3.48 12.96 -3.14
C TRP A 304 4.27 11.68 -2.88
N ILE A 305 3.65 10.53 -3.15
CA ILE A 305 4.36 9.26 -3.06
C ILE A 305 4.42 8.62 -4.44
N VAL A 306 5.61 8.22 -4.85
CA VAL A 306 5.86 7.68 -6.18
C VAL A 306 6.35 6.24 -6.03
N MET A 307 5.88 5.36 -6.92
CA MET A 307 5.97 3.93 -6.73
C MET A 307 6.64 3.24 -7.92
N ASP A 308 6.66 1.92 -7.90
CA ASP A 308 7.23 1.10 -8.98
C ASP A 308 6.17 0.12 -9.45
N ALA A 309 5.45 0.47 -10.51
CA ALA A 309 4.35 -0.37 -10.98
C ALA A 309 4.85 -1.54 -11.81
N ARG A 310 5.79 -2.29 -11.25
CA ARG A 310 6.26 -3.54 -11.85
C ARG A 310 5.75 -4.77 -11.12
N GLY A 311 5.47 -4.65 -9.83
CA GLY A 311 4.72 -5.70 -9.16
C GLY A 311 3.31 -5.82 -9.72
N LEU A 312 2.74 -4.69 -10.13
CA LEU A 312 1.49 -4.72 -10.89
C LEU A 312 1.69 -5.45 -12.22
N LEU A 313 2.79 -5.17 -12.91
CA LEU A 313 3.04 -5.80 -14.20
C LEU A 313 3.26 -7.29 -14.04
N ARG A 314 4.02 -7.71 -13.03
CA ARG A 314 4.23 -9.13 -12.81
C ARG A 314 2.94 -9.83 -12.42
N ALA A 315 2.11 -9.16 -11.61
CA ALA A 315 0.86 -9.77 -11.17
C ALA A 315 -0.06 -10.06 -12.35
N VAL A 316 -0.11 -9.15 -13.33
CA VAL A 316 -0.93 -9.38 -14.51
C VAL A 316 -0.23 -10.30 -15.50
N TYR A 317 1.02 -10.70 -15.23
CA TYR A 317 1.72 -11.62 -16.11
C TYR A 317 1.68 -13.06 -15.61
N TRP A 318 2.14 -13.32 -14.38
CA TRP A 318 2.13 -14.69 -13.88
C TRP A 318 0.71 -15.20 -13.75
N ARG A 319 -0.23 -14.33 -13.36
CA ARG A 319 -1.62 -14.58 -13.65
C ARG A 319 -1.92 -14.20 -15.09
N GLY A 320 -2.63 -15.09 -15.79
CA GLY A 320 -2.79 -14.96 -17.21
C GLY A 320 -3.83 -13.96 -17.69
N ILE A 321 -3.72 -12.70 -17.29
CA ILE A 321 -4.77 -11.73 -17.65
C ILE A 321 -4.23 -10.66 -18.59
N ALA A 322 -2.94 -10.67 -18.89
CA ALA A 322 -2.33 -9.62 -19.67
C ALA A 322 -1.38 -10.17 -20.73
N LYS A 323 -1.11 -9.34 -21.73
CA LYS A 323 -0.17 -9.67 -22.79
C LYS A 323 1.11 -8.84 -22.66
N PRO A 324 2.07 -9.10 -23.54
CA PRO A 324 3.34 -8.41 -23.46
C PRO A 324 3.23 -6.91 -23.72
N GLY A 325 2.47 -6.54 -24.75
CA GLY A 325 2.30 -5.13 -25.11
C GLY A 325 1.04 -4.59 -24.45
N LEU A 326 1.20 -3.70 -23.48
CA LEU A 326 0.08 -3.21 -22.69
C LEU A 326 0.44 -1.84 -22.15
N SER A 327 -0.53 -0.92 -22.16
CA SER A 327 -0.29 0.46 -21.80
C SER A 327 -0.48 0.68 -20.30
N LEU A 328 0.26 1.66 -19.76
CA LEU A 328 0.18 1.97 -18.35
C LEU A 328 -1.24 2.38 -17.95
N LYS A 329 -1.88 3.19 -18.78
CA LYS A 329 -3.26 3.58 -18.49
C LYS A 329 -4.12 2.36 -18.24
N GLU A 330 -3.88 1.29 -18.99
CA GLU A 330 -4.69 0.08 -18.84
C GLU A 330 -4.12 -0.85 -17.79
N LEU A 331 -2.84 -0.67 -17.42
CA LEU A 331 -2.24 -1.56 -16.42
C LEU A 331 -2.90 -1.41 -15.06
N LEU A 332 -2.99 -0.19 -14.55
CA LEU A 332 -3.57 0.01 -13.23
C LEU A 332 -5.08 0.18 -13.27
N GLY A 333 -5.69 0.10 -14.46
CA GLY A 333 -7.11 -0.09 -14.55
C GLY A 333 -7.57 -1.44 -14.06
N PHE A 334 -6.66 -2.42 -14.05
CA PHE A 334 -6.90 -3.71 -13.43
C PHE A 334 -7.02 -3.62 -11.93
N PHE A 335 -6.52 -2.54 -11.36
CA PHE A 335 -6.50 -2.41 -9.91
C PHE A 335 -7.43 -1.35 -9.39
N SER A 336 -7.70 -1.40 -8.09
CA SER A 336 -8.55 -0.41 -7.47
C SER A 336 -7.82 0.92 -7.32
N GLY A 337 -8.61 1.99 -7.26
CA GLY A 337 -8.09 3.32 -7.00
C GLY A 337 -7.85 3.63 -5.55
N ASP A 338 -7.93 2.62 -4.67
CA ASP A 338 -7.76 2.77 -3.23
C ASP A 338 -6.63 1.88 -2.74
N PRO A 339 -5.38 2.26 -2.95
CA PRO A 339 -4.27 1.50 -2.38
C PRO A 339 -4.18 1.70 -0.87
N VAL A 340 -3.66 0.68 -0.21
CA VAL A 340 -3.41 0.70 1.23
C VAL A 340 -1.91 0.74 1.45
N LEU A 341 -1.45 1.73 2.22
CA LEU A 341 -0.03 1.95 2.43
C LEU A 341 0.41 1.37 3.77
N ASP A 342 1.70 1.07 3.88
CA ASP A 342 2.31 0.65 5.14
C ASP A 342 3.42 1.63 5.50
N PRO A 343 3.19 2.58 6.40
CA PRO A 343 4.20 3.62 6.65
C PRO A 343 5.54 3.08 7.13
N LYS A 344 5.55 2.03 7.94
CA LYS A 344 6.79 1.55 8.52
C LYS A 344 7.51 0.54 7.63
N ARG A 345 6.76 -0.28 6.89
CA ARG A 345 7.38 -1.33 6.09
C ARG A 345 7.84 -0.83 4.73
N GLY A 346 7.26 0.26 4.24
CA GLY A 346 7.67 0.81 2.96
C GLY A 346 7.08 0.12 1.75
N ILE A 347 5.86 -0.41 1.86
CA ILE A 347 5.18 -1.13 0.80
C ILE A 347 3.71 -0.75 0.82
N ALA A 348 3.11 -0.66 -0.36
CA ALA A 348 1.68 -0.40 -0.49
C ALA A 348 1.05 -1.50 -1.33
N THR A 349 -0.14 -1.94 -0.91
CA THR A 349 -0.78 -3.12 -1.46
C THR A 349 -1.96 -2.74 -2.34
N PHE A 350 -1.98 -3.26 -3.56
CA PHE A 350 -3.08 -3.11 -4.49
C PHE A 350 -3.95 -4.36 -4.49
N THR A 351 -5.11 -4.25 -5.13
CA THR A 351 -6.01 -5.38 -5.28
C THR A 351 -6.56 -5.39 -6.70
N PHE A 352 -7.05 -6.54 -7.14
CA PHE A 352 -7.56 -6.65 -8.50
C PHE A 352 -9.03 -6.28 -8.57
N LYS A 353 -9.33 -5.13 -9.16
CA LYS A 353 -10.71 -4.71 -9.34
C LYS A 353 -11.40 -5.71 -10.27
N LEU A 354 -12.62 -6.13 -9.92
CA LEU A 354 -13.32 -7.12 -10.73
C LEU A 354 -14.58 -6.53 -11.36
#